data_7OKV
#
_entry.id   7OKV
#
_cell.length_a   71.051
_cell.length_b   71.051
_cell.length_c   103.153
_cell.angle_alpha   90.000
_cell.angle_beta   90.000
_cell.angle_gamma   120.000
#
_symmetry.space_group_name_H-M   'P 31 2 1'
#
loop_
_entity.id
_entity.type
_entity.pdbx_description
1 polymer 'Endothelial protein C receptor'
2 non-polymer 2-acetamido-2-deoxy-beta-D-glucopyranose
3 non-polymer HEXADECANE
4 non-polymer HEXANE
5 non-polymer DECANE
6 non-polymer 1,2-ETHANEDIOL
7 water water
#
_entity_poly.entity_id   1
_entity_poly.type   'polypeptide(L)'
_entity_poly.pdbx_seq_one_letter_code
;GPSQDASDGLQRLHMLQISYFRDPYHVWYQGNASLGGHLTHVLEGPDTNTTIIQLQPLQEPESWARTQSGLQSYLLQFHG
LVRLVHQERTLAFPLTIRCFLGCELPPEGSRAHVFFEVAVNGSSFVSFRPERALWQADTQVTSGVVTFTLQQLNAYNRTR
YELREFLEDTCVQYVQKHISAENTKGSQTSRSYTS
;
_entity_poly.pdbx_strand_id   A
#
loop_
_chem_comp.id
_chem_comp.type
_chem_comp.name
_chem_comp.formula
D10 non-polymer DECANE 'C10 H22'
EDO non-polymer 1,2-ETHANEDIOL 'C2 H6 O2'
HEX non-polymer HEXANE 'C6 H14'
NAG D-saccharide, beta linking 2-acetamido-2-deoxy-beta-D-glucopyranose 'C8 H15 N O6'
R16 non-polymer HEXADECANE 'C16 H34'
#
# COMPACT_ATOMS: atom_id res chain seq x y z
N GLN A 11 0.83 -10.39 17.31
CA GLN A 11 1.49 -9.10 17.20
C GLN A 11 1.68 -8.76 15.74
N ARG A 12 0.83 -7.87 15.25
CA ARG A 12 0.80 -7.59 13.83
C ARG A 12 0.37 -6.15 13.62
N LEU A 13 0.74 -5.62 12.45
CA LEU A 13 0.20 -4.38 11.92
C LEU A 13 -0.34 -4.68 10.53
N HIS A 14 -1.60 -4.35 10.29
CA HIS A 14 -2.23 -4.55 9.00
C HIS A 14 -2.69 -3.18 8.50
N MET A 15 -2.61 -2.98 7.19
CA MET A 15 -2.97 -1.71 6.59
C MET A 15 -3.80 -2.03 5.35
N LEU A 16 -4.91 -1.31 5.19
CA LEU A 16 -5.80 -1.53 4.06
C LEU A 16 -6.07 -0.19 3.39
N GLN A 17 -5.91 -0.14 2.07
CA GLN A 17 -6.17 1.08 1.30
C GLN A 17 -7.10 0.69 0.17
N ILE A 18 -8.24 1.37 0.06
CA ILE A 18 -9.13 1.21 -1.08
C ILE A 18 -9.18 2.54 -1.82
N SER A 19 -8.91 2.49 -3.11
CA SER A 19 -8.83 3.70 -3.94
C SER A 19 -9.89 3.61 -5.02
N TYR A 20 -10.82 4.58 -5.02
CA TYR A 20 -11.88 4.65 -6.03
C TYR A 20 -11.50 5.72 -7.04
N PHE A 21 -11.16 5.30 -8.26
CA PHE A 21 -10.75 6.20 -9.34
C PHE A 21 -11.97 6.43 -10.23
N ARG A 22 -12.56 7.62 -10.12
CA ARG A 22 -13.62 8.02 -11.06
C ARG A 22 -13.07 8.12 -12.47
N ASP A 23 -11.82 8.53 -12.60
CA ASP A 23 -11.08 8.64 -13.85
C ASP A 23 -9.61 8.64 -13.42
N PRO A 24 -8.64 8.69 -14.33
CA PRO A 24 -7.24 8.61 -13.88
C PRO A 24 -6.83 9.71 -12.92
N TYR A 25 -7.51 10.85 -12.93
CA TYR A 25 -7.03 12.06 -12.25
C TYR A 25 -7.78 12.37 -10.97
N HIS A 26 -8.90 11.71 -10.69
CA HIS A 26 -9.73 12.00 -9.53
C HIS A 26 -9.95 10.71 -8.76
N VAL A 27 -9.57 10.69 -7.48
CA VAL A 27 -9.65 9.47 -6.69
C VAL A 27 -10.16 9.81 -5.30
N TRP A 28 -10.91 8.88 -4.71
CA TRP A 28 -11.36 8.94 -3.33
C TRP A 28 -10.76 7.78 -2.58
N TYR A 29 -10.13 8.05 -1.46
CA TYR A 29 -9.44 7.02 -0.68
C TYR A 29 -10.24 6.66 0.56
N GLN A 30 -10.22 5.37 0.91
CA GLN A 30 -10.79 4.89 2.16
C GLN A 30 -9.87 3.80 2.67
N GLY A 31 -9.30 4.00 3.87
CA GLY A 31 -8.31 3.06 4.36
C GLY A 31 -8.34 3.02 5.87
N ASN A 32 -7.68 2.01 6.43
CA ASN A 32 -7.50 1.98 7.88
C ASN A 32 -6.40 1.00 8.20
N ALA A 33 -5.90 1.11 9.42
CA ALA A 33 -4.88 0.19 9.90
C ALA A 33 -5.30 -0.28 11.28
N SER A 34 -4.78 -1.45 11.65
CA SER A 34 -5.04 -2.05 12.95
C SER A 34 -3.74 -2.64 13.50
N LEU A 35 -3.57 -2.50 14.81
CA LEU A 35 -2.43 -3.01 15.54
C LEU A 35 -2.96 -4.03 16.55
N GLY A 36 -2.43 -5.25 16.51
CA GLY A 36 -2.95 -6.32 17.34
C GLY A 36 -4.44 -6.53 17.17
N GLY A 37 -4.96 -6.26 15.97
CA GLY A 37 -6.37 -6.45 15.70
C GLY A 37 -7.28 -5.35 16.21
N HIS A 38 -6.73 -4.20 16.58
CA HIS A 38 -7.50 -3.07 17.04
C HIS A 38 -7.30 -1.90 16.08
N LEU A 39 -8.40 -1.26 15.67
CA LEU A 39 -8.29 -0.16 14.73
C LEU A 39 -7.45 0.96 15.33
N THR A 40 -6.46 1.42 14.58
CA THR A 40 -5.56 2.45 15.05
C THR A 40 -5.46 3.66 14.14
N HIS A 41 -5.77 3.54 12.85
CA HIS A 41 -5.56 4.63 11.92
C HIS A 41 -6.69 4.61 10.89
N VAL A 42 -6.97 5.77 10.34
CA VAL A 42 -8.00 5.91 9.31
C VAL A 42 -7.46 6.81 8.20
N LEU A 43 -7.74 6.42 6.97
CA LEU A 43 -7.43 7.18 5.76
C LEU A 43 -8.75 7.49 5.07
N GLU A 44 -8.99 8.76 4.71
CA GLU A 44 -10.26 9.11 4.12
C GLU A 44 -10.13 10.42 3.32
N GLY A 45 -10.56 10.39 2.07
CA GLY A 45 -10.75 11.63 1.36
C GLY A 45 -10.18 11.63 -0.05
N PRO A 46 -10.42 12.71 -0.78
CA PRO A 46 -9.94 12.80 -2.16
C PRO A 46 -8.46 13.12 -2.20
N ASP A 47 -7.87 12.87 -3.37
CA ASP A 47 -6.44 13.11 -3.54
C ASP A 47 -6.07 14.55 -3.18
N THR A 48 -6.98 15.50 -3.38
CA THR A 48 -6.68 16.90 -3.13
C THR A 48 -6.65 17.24 -1.64
N ASN A 49 -7.33 16.46 -0.81
CA ASN A 49 -7.45 16.76 0.62
C ASN A 49 -7.73 15.47 1.38
N THR A 50 -6.68 14.72 1.68
CA THR A 50 -6.82 13.40 2.27
C THR A 50 -6.57 13.47 3.77
N THR A 51 -7.52 12.96 4.55
CA THR A 51 -7.38 12.89 6.00
C THR A 51 -6.59 11.64 6.39
N ILE A 52 -5.55 11.80 7.18
CA ILE A 52 -4.77 10.68 7.69
C ILE A 52 -4.59 10.90 9.19
N ILE A 53 -5.17 9.99 9.99
CA ILE A 53 -5.37 10.20 11.42
C ILE A 53 -4.88 8.95 12.16
N GLN A 54 -4.20 9.15 13.28
CA GLN A 54 -4.05 8.05 14.24
C GLN A 54 -5.17 8.21 15.26
N LEU A 55 -5.92 7.13 15.48
CA LEU A 55 -7.02 7.19 16.44
C LEU A 55 -6.53 7.17 17.88
N GLN A 56 -5.40 6.53 18.12
CA GLN A 56 -4.74 6.52 19.42
C GLN A 56 -3.42 7.28 19.30
N PRO A 57 -3.03 8.06 20.30
CA PRO A 57 -1.80 8.88 20.18
C PRO A 57 -0.54 8.03 20.30
N LEU A 58 -0.43 7.03 19.43
CA LEU A 58 0.68 6.10 19.51
C LEU A 58 2.01 6.79 19.24
N GLN A 59 2.04 7.66 18.23
CA GLN A 59 3.24 8.41 17.89
C GLN A 59 3.14 9.83 18.43
N GLU A 60 4.27 10.34 18.92
CA GLU A 60 4.34 11.72 19.36
C GLU A 60 4.13 12.64 18.16
N PRO A 61 3.78 13.91 18.40
CA PRO A 61 3.36 14.77 17.28
C PRO A 61 4.40 14.97 16.20
N GLU A 62 5.65 15.25 16.55
CA GLU A 62 6.69 15.43 15.54
C GLU A 62 6.90 14.15 14.74
N SER A 63 6.91 13.00 15.43
CA SER A 63 7.08 11.74 14.73
C SER A 63 5.86 11.42 13.86
N TRP A 64 4.65 11.68 14.37
CA TRP A 64 3.45 11.44 13.59
C TRP A 64 3.43 12.29 12.32
N ALA A 65 3.80 13.58 12.44
CA ALA A 65 3.84 14.44 11.27
C ALA A 65 4.83 13.92 10.24
N ARG A 66 5.92 13.29 10.68
CA ARG A 66 6.82 12.64 9.74
C ARG A 66 6.13 11.48 9.05
N THR A 67 5.41 10.65 9.81
CA THR A 67 4.74 9.50 9.23
C THR A 67 3.61 9.94 8.29
N GLN A 68 2.80 10.91 8.73
CA GLN A 68 1.75 11.46 7.89
C GLN A 68 2.31 11.94 6.55
N SER A 69 3.42 12.67 6.58
CA SER A 69 4.04 13.16 5.35
C SER A 69 4.46 12.02 4.44
N GLY A 70 5.01 10.95 5.02
CA GLY A 70 5.41 9.81 4.21
C GLY A 70 4.24 9.14 3.54
N LEU A 71 3.12 9.03 4.26
CA LEU A 71 1.91 8.44 3.67
C LEU A 71 1.37 9.30 2.54
N GLN A 72 1.37 10.62 2.73
CA GLN A 72 0.92 11.51 1.66
C GLN A 72 1.77 11.34 0.41
N SER A 73 3.09 11.23 0.58
CA SER A 73 3.95 11.02 -0.58
C SER A 73 3.69 9.66 -1.21
N TYR A 74 3.41 8.63 -0.40
CA TYR A 74 3.06 7.33 -0.97
C TYR A 74 1.84 7.45 -1.86
N LEU A 75 0.80 8.13 -1.38
CA LEU A 75 -0.43 8.27 -2.16
C LEU A 75 -0.16 8.97 -3.48
N LEU A 76 0.71 9.98 -3.47
CA LEU A 76 1.00 10.70 -4.70
C LEU A 76 1.75 9.83 -5.69
N GLN A 77 2.70 9.02 -5.20
CA GLN A 77 3.40 8.09 -6.08
C GLN A 77 2.50 6.96 -6.57
N PHE A 78 1.62 6.47 -5.69
CA PHE A 78 0.63 5.47 -6.09
C PHE A 78 -0.27 6.02 -7.20
N HIS A 79 -0.78 7.22 -7.01
CA HIS A 79 -1.61 7.86 -8.03
C HIS A 79 -0.82 8.08 -9.31
N GLY A 80 0.45 8.49 -9.19
CA GLY A 80 1.29 8.64 -10.37
C GLY A 80 1.44 7.36 -11.17
N LEU A 81 1.63 6.24 -10.48
CA LEU A 81 1.75 4.96 -11.18
C LEU A 81 0.45 4.59 -11.89
N VAL A 82 -0.70 4.82 -11.24
CA VAL A 82 -1.96 4.50 -11.88
C VAL A 82 -2.16 5.36 -13.14
N ARG A 83 -1.76 6.63 -13.07
CA ARG A 83 -1.86 7.49 -14.24
C ARG A 83 -0.93 7.04 -15.35
N LEU A 84 0.27 6.59 -15.00
CA LEU A 84 1.21 6.12 -16.02
C LEU A 84 0.71 4.85 -16.70
N VAL A 85 0.15 3.91 -15.93
CA VAL A 85 -0.42 2.72 -16.53
C VAL A 85 -1.54 3.10 -17.49
N HIS A 86 -2.43 3.99 -17.04
CA HIS A 86 -3.45 4.50 -17.94
C HIS A 86 -2.84 5.13 -19.17
N GLN A 87 -1.77 5.91 -19.00
CA GLN A 87 -1.22 6.63 -20.13
C GLN A 87 -0.57 5.68 -21.12
N GLU A 88 0.00 4.57 -20.65
CA GLU A 88 0.75 3.67 -21.52
C GLU A 88 -0.03 2.44 -21.99
N ARG A 89 -1.09 2.04 -21.29
CA ARG A 89 -1.86 0.86 -21.67
C ARG A 89 -3.33 1.23 -21.70
N THR A 90 -4.14 0.33 -22.25
CA THR A 90 -5.59 0.52 -22.25
C THR A 90 -6.12 0.15 -20.86
N LEU A 91 -6.61 1.16 -20.14
CA LEU A 91 -7.12 0.98 -18.79
C LEU A 91 -8.43 1.73 -18.68
N ALA A 92 -9.50 1.01 -18.31
CA ALA A 92 -10.85 1.55 -18.33
C ALA A 92 -11.27 2.00 -16.94
N PHE A 93 -11.78 3.21 -16.85
CA PHE A 93 -12.26 3.78 -15.61
C PHE A 93 -13.78 3.91 -15.64
N PRO A 94 -14.44 3.96 -14.48
CA PRO A 94 -13.90 3.97 -13.12
C PRO A 94 -13.39 2.61 -12.68
N LEU A 95 -12.59 2.58 -11.62
CA LEU A 95 -12.10 1.30 -11.13
C LEU A 95 -11.79 1.46 -9.65
N THR A 96 -11.69 0.33 -8.95
CA THR A 96 -11.29 0.33 -7.55
C THR A 96 -10.00 -0.46 -7.43
N ILE A 97 -9.12 0.00 -6.56
CA ILE A 97 -7.90 -0.73 -6.25
C ILE A 97 -7.89 -0.96 -4.75
N ARG A 98 -7.53 -2.17 -4.34
CA ARG A 98 -7.39 -2.52 -2.94
C ARG A 98 -5.95 -2.89 -2.70
N CYS A 99 -5.34 -2.29 -1.67
CA CYS A 99 -3.97 -2.62 -1.27
C CYS A 99 -4.04 -3.07 0.18
N PHE A 100 -3.53 -4.27 0.42
CA PHE A 100 -3.59 -4.90 1.75
C PHE A 100 -2.18 -5.32 2.09
N LEU A 101 -1.62 -4.76 3.17
CA LEU A 101 -0.21 -4.99 3.49
C LEU A 101 -0.02 -5.04 4.99
N GLY A 102 1.14 -5.54 5.41
CA GLY A 102 1.46 -5.44 6.83
C GLY A 102 2.52 -6.45 7.22
N CYS A 103 2.64 -6.64 8.53
CA CYS A 103 3.64 -7.52 9.08
C CYS A 103 3.04 -8.24 10.28
N GLU A 104 3.49 -9.47 10.50
CA GLU A 104 3.01 -10.32 11.57
C GLU A 104 4.22 -10.99 12.20
N LEU A 105 4.28 -10.97 13.52
CA LEU A 105 5.47 -11.42 14.22
C LEU A 105 5.16 -12.76 14.89
N PRO A 106 5.75 -13.86 14.43
CA PRO A 106 5.52 -15.14 15.11
C PRO A 106 6.18 -15.16 16.48
N PRO A 107 5.50 -15.69 17.50
CA PRO A 107 6.05 -15.85 18.86
C PRO A 107 7.35 -16.65 18.90
N SER A 110 11.26 -15.48 15.69
CA SER A 110 11.66 -15.96 14.37
C SER A 110 11.43 -14.87 13.31
N ARG A 111 11.23 -15.27 12.06
CA ARG A 111 11.13 -14.31 10.97
C ARG A 111 9.71 -13.77 10.86
N ALA A 112 9.59 -12.46 10.70
CA ALA A 112 8.29 -11.86 10.47
C ALA A 112 7.72 -12.32 9.13
N HIS A 113 6.41 -12.46 9.09
CA HIS A 113 5.70 -12.64 7.84
C HIS A 113 5.20 -11.28 7.40
N VAL A 114 5.54 -10.87 6.17
CA VAL A 114 5.10 -9.58 5.64
C VAL A 114 4.46 -9.84 4.28
N PHE A 115 3.62 -8.90 3.85
CA PHE A 115 2.87 -9.12 2.63
C PHE A 115 2.42 -7.80 2.04
N PHE A 116 2.11 -7.81 0.75
CA PHE A 116 1.51 -6.64 0.13
C PHE A 116 0.75 -7.19 -1.08
N GLU A 117 -0.56 -7.16 -1.03
CA GLU A 117 -1.41 -7.76 -2.06
C GLU A 117 -2.30 -6.69 -2.67
N VAL A 118 -2.44 -6.70 -3.99
CA VAL A 118 -3.21 -5.70 -4.71
C VAL A 118 -4.32 -6.39 -5.49
N ALA A 119 -5.54 -5.88 -5.36
CA ALA A 119 -6.68 -6.31 -6.16
C ALA A 119 -7.21 -5.11 -6.96
N VAL A 120 -7.74 -5.39 -8.14
CA VAL A 120 -8.33 -4.37 -9.00
C VAL A 120 -9.74 -4.82 -9.36
N ASN A 121 -10.71 -3.90 -9.19
CA ASN A 121 -12.12 -4.21 -9.42
C ASN A 121 -12.50 -5.52 -8.73
N GLY A 122 -11.94 -5.73 -7.54
CA GLY A 122 -12.28 -6.86 -6.71
C GLY A 122 -11.59 -8.17 -7.03
N SER A 123 -10.74 -8.22 -8.06
CA SER A 123 -10.05 -9.44 -8.45
C SER A 123 -8.55 -9.32 -8.18
N SER A 124 -7.93 -10.43 -7.76
CA SER A 124 -6.51 -10.45 -7.47
C SER A 124 -5.71 -10.01 -8.69
N PHE A 125 -4.69 -9.18 -8.44
CA PHE A 125 -3.98 -8.52 -9.53
C PHE A 125 -2.48 -8.78 -9.44
N VAL A 126 -1.77 -8.21 -8.46
CA VAL A 126 -0.35 -8.46 -8.26
C VAL A 126 -0.10 -8.58 -6.77
N SER A 127 1.05 -9.16 -6.40
CA SER A 127 1.43 -9.19 -5.00
C SER A 127 2.95 -9.23 -4.89
N PHE A 128 3.43 -8.82 -3.71
CA PHE A 128 4.84 -8.66 -3.44
C PHE A 128 5.38 -9.98 -2.88
N ARG A 129 6.54 -10.43 -3.39
CA ARG A 129 7.19 -11.62 -2.88
C ARG A 129 8.36 -11.14 -2.02
N PRO A 130 8.22 -11.10 -0.70
CA PRO A 130 9.31 -10.54 0.12
C PRO A 130 10.58 -11.36 0.10
N GLU A 131 10.54 -12.65 -0.27
CA GLU A 131 11.76 -13.45 -0.29
C GLU A 131 12.83 -12.83 -1.17
N ARG A 132 12.43 -12.17 -2.27
CA ARG A 132 13.37 -11.56 -3.20
C ARG A 132 12.98 -10.13 -3.56
N ALA A 133 12.03 -9.54 -2.85
CA ALA A 133 11.60 -8.15 -3.07
C ALA A 133 11.18 -7.93 -4.51
N LEU A 134 10.36 -8.84 -5.01
CA LEU A 134 9.88 -8.81 -6.38
C LEU A 134 8.38 -8.94 -6.42
N TRP A 135 7.77 -8.38 -7.46
CA TRP A 135 6.32 -8.42 -7.65
C TRP A 135 5.98 -9.50 -8.66
N GLN A 136 4.85 -10.18 -8.42
CA GLN A 136 4.36 -11.22 -9.31
C GLN A 136 2.91 -10.95 -9.67
N ALA A 137 2.50 -11.49 -10.81
CA ALA A 137 1.10 -11.48 -11.17
C ALA A 137 0.34 -12.52 -10.36
N ASP A 138 -0.83 -12.14 -9.86
CA ASP A 138 -1.73 -13.05 -9.18
C ASP A 138 -2.91 -13.43 -10.04
N THR A 139 -2.92 -13.00 -11.29
CA THR A 139 -3.98 -13.32 -12.24
C THR A 139 -3.44 -14.29 -13.26
N GLN A 140 -4.32 -15.12 -13.81
CA GLN A 140 -3.91 -16.00 -14.88
C GLN A 140 -4.16 -15.38 -16.24
N VAL A 141 -4.80 -14.21 -16.25
CA VAL A 141 -5.05 -13.45 -17.48
C VAL A 141 -3.76 -12.76 -17.89
N THR A 142 -3.14 -13.22 -18.97
CA THR A 142 -2.06 -12.44 -19.55
C THR A 142 -2.63 -11.13 -20.10
N SER A 143 -2.01 -10.02 -19.72
CA SER A 143 -2.62 -8.71 -19.85
C SER A 143 -1.54 -7.66 -20.02
N GLY A 144 -1.73 -6.76 -20.98
CA GLY A 144 -0.81 -5.64 -21.12
C GLY A 144 -0.77 -4.78 -19.88
N VAL A 145 -1.92 -4.62 -19.22
CA VAL A 145 -1.98 -3.83 -17.99
C VAL A 145 -1.16 -4.50 -16.89
N VAL A 146 -1.38 -5.80 -16.67
CA VAL A 146 -0.65 -6.50 -15.61
C VAL A 146 0.84 -6.51 -15.93
N THR A 147 1.19 -6.79 -17.18
CA THR A 147 2.59 -6.85 -17.57
C THR A 147 3.26 -5.50 -17.40
N PHE A 148 2.60 -4.43 -17.83
CA PHE A 148 3.19 -3.11 -17.69
C PHE A 148 3.33 -2.71 -16.23
N THR A 149 2.32 -3.03 -15.42
CA THR A 149 2.38 -2.70 -14.00
C THR A 149 3.55 -3.41 -13.35
N LEU A 150 3.75 -4.69 -13.67
CA LEU A 150 4.88 -5.43 -13.10
C LEU A 150 6.21 -4.87 -13.56
N GLN A 151 6.30 -4.49 -14.84
CA GLN A 151 7.55 -3.91 -15.33
C GLN A 151 7.93 -2.67 -14.54
N GLN A 152 6.94 -1.85 -14.17
CA GLN A 152 7.22 -0.64 -13.40
C GLN A 152 7.57 -0.98 -11.95
N LEU A 153 6.79 -1.85 -11.33
CA LEU A 153 7.03 -2.17 -9.93
C LEU A 153 8.38 -2.84 -9.75
N ASN A 154 8.77 -3.69 -10.69
CA ASN A 154 10.01 -4.44 -10.58
C ASN A 154 11.23 -3.69 -11.12
N ALA A 155 11.07 -2.45 -11.59
CA ALA A 155 12.19 -1.71 -12.15
C ALA A 155 12.81 -0.70 -11.19
N TYR A 156 12.21 -0.46 -10.03
CA TYR A 156 12.64 0.61 -9.15
C TYR A 156 12.91 0.07 -7.75
N ASN A 157 13.99 0.57 -7.12
CA ASN A 157 14.29 0.16 -5.76
C ASN A 157 13.19 0.58 -4.79
N ARG A 158 12.51 1.69 -5.07
CA ARG A 158 11.44 2.17 -4.19
C ARG A 158 10.38 1.11 -3.97
N THR A 159 10.03 0.36 -5.02
CA THR A 159 9.00 -0.68 -4.92
C THR A 159 9.59 -2.07 -4.80
N ARG A 160 10.90 -2.19 -4.59
CA ARG A 160 11.53 -3.48 -4.38
C ARG A 160 12.18 -3.47 -3.01
N TYR A 161 13.48 -3.22 -2.92
CA TYR A 161 14.19 -3.36 -1.65
C TYR A 161 13.72 -2.34 -0.62
N GLU A 162 13.36 -1.13 -1.04
CA GLU A 162 12.90 -0.14 -0.07
C GLU A 162 11.55 -0.52 0.50
N LEU A 163 10.71 -1.17 -0.30
CA LEU A 163 9.44 -1.64 0.24
C LEU A 163 9.63 -2.83 1.16
N ARG A 164 10.56 -3.73 0.82
CA ARG A 164 10.85 -4.82 1.74
C ARG A 164 11.34 -4.29 3.08
N GLU A 165 12.18 -3.25 3.04
CA GLU A 165 12.66 -2.67 4.30
C GLU A 165 11.52 -2.04 5.09
N PHE A 166 10.59 -1.37 4.40
CA PHE A 166 9.44 -0.83 5.09
C PHE A 166 8.67 -1.92 5.82
N LEU A 167 8.41 -3.03 5.13
CA LEU A 167 7.64 -4.12 5.72
C LEU A 167 8.46 -4.87 6.76
N GLU A 168 9.73 -5.16 6.47
CA GLU A 168 10.49 -6.03 7.37
C GLU A 168 11.07 -5.27 8.55
N ASP A 169 11.42 -4.00 8.39
CA ASP A 169 12.03 -3.24 9.49
C ASP A 169 11.08 -2.22 10.08
N THR A 170 10.51 -1.33 9.27
CA THR A 170 9.69 -0.25 9.82
C THR A 170 8.42 -0.78 10.46
N CYS A 171 7.67 -1.61 9.73
CA CYS A 171 6.42 -2.11 10.29
CA CYS A 171 6.42 -2.17 10.25
C CYS A 171 6.68 -3.00 11.51
N VAL A 172 7.67 -3.88 11.44
CA VAL A 172 8.00 -4.73 12.57
C VAL A 172 8.40 -3.90 13.77
N GLN A 173 9.22 -2.87 13.55
CA GLN A 173 9.67 -2.03 14.66
C GLN A 173 8.50 -1.24 15.25
N TYR A 174 7.54 -0.86 14.41
CA TYR A 174 6.33 -0.21 14.92
C TYR A 174 5.55 -1.15 15.83
N VAL A 175 5.39 -2.40 15.41
CA VAL A 175 4.71 -3.40 16.25
C VAL A 175 5.50 -3.62 17.53
N GLN A 176 6.81 -3.80 17.42
CA GLN A 176 7.62 -4.03 18.61
C GLN A 176 7.52 -2.84 19.57
N LYS A 177 7.45 -1.63 19.03
CA LYS A 177 7.41 -0.46 19.91
C LYS A 177 6.04 -0.28 20.57
N HIS A 178 4.95 -0.65 19.90
CA HIS A 178 3.63 -0.22 20.35
C HIS A 178 2.65 -1.32 20.75
N ILE A 179 2.89 -2.59 20.46
CA ILE A 179 1.86 -3.56 20.89
C ILE A 179 1.89 -3.65 22.41
C1 NAG B . -10.29 -1.74 7.74
C2 NAG B . -9.92 -3.08 8.37
C3 NAG B . -10.84 -4.18 7.85
C4 NAG B . -12.30 -3.80 8.05
C5 NAG B . -12.58 -2.43 7.44
C6 NAG B . -13.98 -1.93 7.70
C7 NAG B . -7.52 -2.93 8.81
C8 NAG B . -6.15 -3.37 8.38
N2 NAG B . -8.53 -3.40 8.09
O3 NAG B . -10.56 -5.38 8.54
O4 NAG B . -13.14 -4.76 7.43
O5 NAG B . -11.69 -1.46 7.98
O6 NAG B . -14.66 -2.78 8.62
O7 NAG B . -7.68 -2.19 9.77
C27 R16 C . 6.55 3.40 -9.39
C28 R16 C . 6.48 3.96 -7.98
C29 R16 C . 5.38 3.38 -7.13
C30 R16 C . 5.40 3.88 -5.71
C31 R16 C . 4.77 2.94 -4.69
C32 R16 C . 3.29 2.78 -4.79
C33 R16 C . 2.81 1.53 -5.50
C34 R16 C . 2.58 0.33 -4.61
C35 R16 C . 1.78 -0.73 -5.31
C36 R16 C . 0.77 -0.13 -6.26
C37 R16 C . 0.09 -1.07 -7.21
C38 R16 C . -0.53 -0.33 -8.37
C39 R16 C . -1.51 -1.10 -9.21
C40 R16 C . -2.00 -0.31 -10.40
C41 R16 C . -3.10 -0.96 -11.17
C42 R16 C . -3.25 -0.36 -12.55
C1 NAG D . -14.10 -1.80 -13.39
C2 NAG D . -13.72 -1.70 -14.88
C3 NAG D . -14.50 -0.55 -15.53
C4 NAG D . -15.99 -0.73 -15.32
C5 NAG D . -16.30 -0.89 -13.83
C6 NAG D . -17.75 -1.24 -13.58
C7 NAG D . -11.43 -2.53 -15.15
C8 NAG D . -10.00 -2.16 -15.34
N2 NAG D . -12.29 -1.51 -15.06
O3 NAG D . -14.20 -0.52 -16.93
O4 NAG D . -16.69 0.40 -15.83
O5 NAG D . -15.52 -1.95 -13.27
O6 NAG D . -17.84 -2.34 -12.69
O7 NAG D . -11.80 -3.70 -15.08
C1 HEX E . 4.54 2.42 10.27
C2 HEX E . 3.11 2.58 9.82
C3 HEX E . 2.22 3.25 10.85
C4 HEX E . 0.76 3.28 10.49
C5 HEX E . 0.46 3.95 9.17
C6 HEX E . -1.01 4.04 8.85
C1 D10 F . 4.16 2.43 1.68
C2 D10 F . 3.02 1.88 2.50
C3 D10 F . 1.70 2.61 2.38
C4 D10 F . 0.65 2.00 3.27
C5 D10 F . -0.67 2.74 3.30
C6 D10 F . -1.72 2.05 4.12
C7 D10 F . -3.10 2.65 4.04
C8 D10 F . -3.39 3.78 5.01
C9 D10 F . -3.67 3.36 6.42
C10 D10 F . -4.16 4.49 7.30
C1 NAG G . -10.05 19.02 4.11
C2 NAG G . -10.76 20.37 4.20
C3 NAG G . -10.99 20.76 5.66
C4 NAG G . -11.73 19.64 6.39
C5 NAG G . -10.99 18.31 6.22
C6 NAG G . -11.74 17.14 6.81
C7 NAG G . -10.44 22.04 2.43
C8 NAG G . -11.79 21.64 1.92
N2 NAG G . -10.00 21.40 3.52
O3 NAG G . -11.75 21.96 5.71
O4 NAG G . -11.84 19.94 7.77
O5 NAG G . -10.82 18.03 4.82
O6 NAG G . -12.82 16.74 5.98
O7 NAG G . -9.77 22.91 1.87
C1 EDO H . 17.29 -5.95 0.96
O1 EDO H . 18.44 -5.35 0.36
C2 EDO H . 16.27 -4.89 1.30
O2 EDO H . 14.98 -5.40 0.99
#